data_5CKN
#
_entry.id   5CKN
#
_cell.length_a   83.640
_cell.length_b   91.340
_cell.length_c   127.090
_cell.angle_alpha   90.000
_cell.angle_beta   90.000
_cell.angle_gamma   90.000
#
_symmetry.space_group_name_H-M   'P 21 21 21'
#
loop_
_entity.id
_entity.type
_entity.pdbx_description
1 polymer 'Mannan-binding lectin serine peptidase 2'
2 non-polymer 'CALCIUM ION'
3 water water
#
_entity_poly.entity_id   1
_entity_poly.type   'polypeptide(L)'
_entity_poly.pdbx_seq_one_letter_code
;SKWPEPVFGRLVSPGFPEKYGNHQDRSWTLTAPPGFRLRLYFTHFNLELSYRCEYDFVKLTSGTKVLATLCGQESTDTER
APGNDTFYSLGPSLKVTFHSDYSNEKPFTGFEAFYAAEDVDECRTSLGDSVPCDHYCHNYLGGYYCSCRVGYILHQNKHT
CSALCSGQVFTGRSGFLSSPEYPQPYPKLSSCAYNIRLEEGFSITLDFVESFDVEMHPEAQCPYDSLKIQTDKREYGPFC
GKTLPPRIETDSNKVTITFTTDESGNHTGWKIHYTSTA
;
_entity_poly.pdbx_strand_id   A,D
#
loop_
_chem_comp.id
_chem_comp.type
_chem_comp.name
_chem_comp.formula
CA non-polymer 'CALCIUM ION' 'Ca 2'
#
# COMPACT_ATOMS: atom_id res chain seq x y z
N SER A 1 10.14 -17.46 32.29
CA SER A 1 9.69 -18.12 33.51
C SER A 1 8.98 -19.44 33.21
N LYS A 2 8.82 -19.74 31.93
CA LYS A 2 8.17 -20.96 31.47
C LYS A 2 9.05 -21.53 30.39
N TRP A 3 9.30 -22.83 30.44
CA TRP A 3 10.27 -23.45 29.56
C TRP A 3 9.69 -24.66 28.87
N PRO A 4 10.17 -24.94 27.66
CA PRO A 4 9.67 -26.09 26.89
C PRO A 4 9.93 -27.39 27.63
N GLU A 5 9.14 -28.41 27.34
CA GLU A 5 9.38 -29.69 27.99
C GLU A 5 10.21 -30.50 27.02
N PRO A 6 11.15 -31.29 27.55
CA PRO A 6 11.92 -32.05 26.57
C PRO A 6 11.09 -33.17 25.97
N VAL A 7 11.42 -33.56 24.74
CA VAL A 7 10.70 -34.61 24.05
C VAL A 7 11.70 -35.45 23.31
N PHE A 8 11.76 -36.72 23.69
CA PHE A 8 12.73 -37.65 23.11
C PHE A 8 12.25 -39.06 23.38
N GLY A 9 12.68 -40.01 22.55
CA GLY A 9 12.25 -41.38 22.72
C GLY A 9 12.94 -42.36 21.81
N ARG A 10 12.47 -43.61 21.88
CA ARG A 10 13.07 -44.74 21.18
C ARG A 10 11.96 -45.58 20.53
N LEU A 11 12.15 -45.92 19.26
CA LEU A 11 11.20 -46.76 18.54
C LEU A 11 11.88 -48.02 18.01
N VAL A 12 11.23 -49.18 18.16
CA VAL A 12 11.79 -50.40 17.59
C VAL A 12 10.72 -51.23 16.86
N SER A 13 11.17 -51.99 15.86
CA SER A 13 10.32 -52.99 15.22
C SER A 13 9.91 -54.03 16.24
N PRO A 14 8.71 -54.60 16.09
CA PRO A 14 8.20 -55.62 17.02
C PRO A 14 9.20 -56.74 17.25
N GLY A 15 9.58 -56.93 18.51
CA GLY A 15 10.46 -58.02 18.88
C GLY A 15 11.93 -57.71 18.83
N PHE A 16 12.30 -56.50 18.41
CA PHE A 16 13.70 -56.08 18.37
C PHE A 16 14.37 -56.38 19.73
N PRO A 17 15.60 -56.91 19.70
CA PRO A 17 16.45 -57.18 18.53
C PRO A 17 16.22 -58.53 17.88
N GLU A 18 15.19 -59.26 18.28
CA GLU A 18 14.86 -60.50 17.60
C GLU A 18 14.20 -60.19 16.27
N LYS A 19 14.17 -61.20 15.40
CA LYS A 19 13.60 -61.07 14.07
C LYS A 19 12.13 -60.65 14.11
N TYR A 20 11.75 -59.74 13.22
CA TYR A 20 10.35 -59.35 13.15
C TYR A 20 9.56 -60.37 12.33
N GLY A 21 8.27 -60.50 12.62
CA GLY A 21 7.43 -61.46 11.95
C GLY A 21 6.72 -60.90 10.74
N ASN A 22 5.78 -61.67 10.21
CA ASN A 22 5.06 -61.30 9.00
C ASN A 22 3.74 -60.60 9.30
N HIS A 23 3.21 -59.91 8.30
CA HIS A 23 1.92 -59.22 8.40
C HIS A 23 1.81 -58.27 9.58
N GLN A 24 2.90 -57.60 9.92
CA GLN A 24 2.90 -56.68 11.05
C GLN A 24 2.72 -55.23 10.58
N ASP A 25 1.99 -54.44 11.37
CA ASP A 25 1.77 -53.03 11.08
C ASP A 25 1.86 -52.21 12.36
N ARG A 26 2.77 -51.24 12.37
CA ARG A 26 2.90 -50.34 13.51
C ARG A 26 2.95 -48.90 13.06
N SER A 27 2.47 -47.98 13.88
CA SER A 27 2.63 -46.56 13.56
C SER A 27 2.73 -45.75 14.84
N TRP A 28 3.69 -44.83 14.85
CA TRP A 28 3.89 -43.93 15.97
C TRP A 28 3.76 -42.49 15.51
N THR A 29 2.92 -41.73 16.19
CA THR A 29 2.86 -40.29 15.95
C THR A 29 3.64 -39.56 17.04
N LEU A 30 4.71 -38.90 16.62
CA LEU A 30 5.59 -38.16 17.52
C LEU A 30 5.35 -36.65 17.38
N THR A 31 5.21 -35.96 18.50
CA THR A 31 4.92 -34.53 18.49
C THR A 31 5.80 -33.69 19.41
N ALA A 32 6.51 -32.73 18.81
CA ALA A 32 7.35 -31.81 19.58
C ALA A 32 6.55 -30.58 20.04
N PRO A 33 7.06 -29.85 21.04
CA PRO A 33 6.41 -28.61 21.48
C PRO A 33 6.40 -27.56 20.37
N PRO A 34 5.57 -26.51 20.50
CA PRO A 34 5.57 -25.47 19.46
C PRO A 34 6.95 -24.83 19.30
N GLY A 35 7.37 -24.62 18.06
CA GLY A 35 8.65 -23.99 17.83
C GLY A 35 9.78 -24.99 17.71
N PHE A 36 9.47 -26.26 17.96
CA PHE A 36 10.47 -27.31 17.85
C PHE A 36 10.17 -28.21 16.67
N ARG A 37 11.21 -28.86 16.18
CA ARG A 37 11.05 -29.93 15.21
C ARG A 37 11.65 -31.19 15.77
N LEU A 38 11.40 -32.32 15.13
CA LEU A 38 11.91 -33.60 15.59
C LEU A 38 13.07 -34.08 14.74
N ARG A 39 14.02 -34.70 15.41
CA ARG A 39 15.20 -35.22 14.77
C ARG A 39 15.26 -36.73 15.04
N LEU A 40 15.29 -37.54 13.97
CA LEU A 40 15.24 -38.99 14.10
C LEU A 40 16.39 -39.66 13.35
N TYR A 41 16.95 -40.69 13.95
CA TYR A 41 18.03 -41.44 13.32
C TYR A 41 17.99 -42.91 13.73
N PHE A 42 18.73 -43.74 13.02
CA PHE A 42 18.69 -45.18 13.25
C PHE A 42 20.00 -45.74 13.74
N THR A 43 19.94 -46.40 14.89
CA THR A 43 21.11 -47.12 15.39
C THR A 43 21.14 -48.48 14.76
N HIS A 44 19.97 -49.01 14.40
CA HIS A 44 19.93 -50.31 13.74
C HIS A 44 18.91 -50.33 12.61
N PHE A 45 19.31 -50.86 11.45
CA PHE A 45 18.37 -51.03 10.34
C PHE A 45 18.74 -52.21 9.44
N ASN A 46 17.84 -53.18 9.41
CA ASN A 46 18.01 -54.40 8.64
C ASN A 46 16.64 -54.96 8.25
N LEU A 47 16.17 -54.58 7.07
CA LEU A 47 14.88 -55.02 6.56
C LEU A 47 15.02 -55.80 5.26
N GLU A 48 13.97 -56.53 4.90
CA GLU A 48 13.89 -57.14 3.58
C GLU A 48 14.08 -56.09 2.50
N LEU A 49 14.95 -56.39 1.53
CA LEU A 49 15.15 -55.52 0.39
C LEU A 49 14.16 -55.86 -0.71
N SER A 50 13.55 -54.83 -1.30
CA SER A 50 12.60 -55.01 -2.38
C SER A 50 12.54 -53.76 -3.23
N TYR A 51 12.12 -53.90 -4.49
CA TYR A 51 12.02 -52.77 -5.40
C TYR A 51 11.10 -51.66 -4.89
N ARG A 52 11.69 -50.50 -4.64
CA ARG A 52 10.98 -49.32 -4.16
C ARG A 52 10.29 -49.61 -2.84
N CYS A 53 10.85 -50.56 -2.10
CA CYS A 53 10.38 -50.94 -0.77
C CYS A 53 8.91 -51.33 -0.76
N GLU A 54 8.54 -52.10 -1.77
CA GLU A 54 7.17 -52.56 -1.94
C GLU A 54 6.77 -53.62 -0.90
N TYR A 55 7.71 -54.47 -0.51
CA TYR A 55 7.40 -55.56 0.44
C TYR A 55 7.38 -55.08 1.90
N ASP A 56 8.57 -54.89 2.48
CA ASP A 56 8.68 -54.40 3.85
C ASP A 56 9.21 -52.98 3.83
N PHE A 57 8.72 -52.14 4.74
CA PHE A 57 9.24 -50.77 4.79
C PHE A 57 9.07 -50.07 6.12
N VAL A 58 9.89 -49.03 6.30
CA VAL A 58 9.68 -48.01 7.31
C VAL A 58 9.46 -46.68 6.60
N LYS A 59 8.34 -46.05 6.86
CA LYS A 59 7.96 -44.83 6.17
C LYS A 59 7.92 -43.66 7.14
N LEU A 60 8.66 -42.61 6.81
CA LEU A 60 8.63 -41.39 7.61
C LEU A 60 7.85 -40.34 6.84
N THR A 61 6.78 -39.84 7.45
CA THR A 61 6.01 -38.76 6.87
C THR A 61 5.92 -37.61 7.86
N SER A 62 5.81 -36.39 7.35
CA SER A 62 5.68 -35.23 8.23
C SER A 62 4.84 -34.15 7.58
N GLY A 63 3.81 -33.69 8.29
CA GLY A 63 2.87 -32.76 7.73
C GLY A 63 2.18 -33.37 6.53
N THR A 64 2.43 -32.78 5.36
CA THR A 64 1.80 -33.24 4.13
C THR A 64 2.76 -34.05 3.26
N LYS A 65 4.01 -34.16 3.69
CA LYS A 65 5.07 -34.79 2.89
C LYS A 65 5.52 -36.17 3.38
N VAL A 66 5.92 -37.01 2.44
CA VAL A 66 6.61 -38.25 2.80
C VAL A 66 8.09 -37.95 2.86
N LEU A 67 8.68 -38.01 4.06
CA LEU A 67 10.10 -37.71 4.21
C LEU A 67 10.97 -38.82 3.64
N ALA A 68 10.59 -40.07 3.87
CA ALA A 68 11.40 -41.19 3.39
C ALA A 68 10.68 -42.52 3.39
N THR A 69 11.08 -43.39 2.46
CA THR A 69 10.63 -44.78 2.48
C THR A 69 11.87 -45.65 2.48
N LEU A 70 12.01 -46.45 3.54
CA LEU A 70 13.27 -47.14 3.83
C LEU A 70 13.09 -48.66 3.89
N CYS A 71 14.04 -49.38 3.33
CA CYS A 71 14.08 -50.84 3.44
C CYS A 71 15.52 -51.33 3.17
N GLY A 72 15.72 -52.64 3.24
CA GLY A 72 17.02 -53.21 2.95
C GLY A 72 18.02 -53.02 4.07
N GLN A 73 19.30 -53.03 3.71
CA GLN A 73 20.37 -52.91 4.69
C GLN A 73 21.30 -51.77 4.32
N GLU A 74 21.62 -51.71 3.03
CA GLU A 74 22.46 -50.66 2.49
C GLU A 74 21.79 -50.04 1.28
N SER A 75 21.82 -48.71 1.22
CA SER A 75 21.10 -47.97 0.19
C SER A 75 21.53 -48.38 -1.22
N THR A 76 20.55 -48.52 -2.11
CA THR A 76 20.83 -48.88 -3.50
C THR A 76 20.43 -47.75 -4.45
N ASP A 77 20.34 -48.07 -5.74
CA ASP A 77 20.03 -47.07 -6.76
C ASP A 77 18.57 -46.61 -6.71
N THR A 78 17.67 -47.51 -6.33
CA THR A 78 16.24 -47.19 -6.28
C THR A 78 15.63 -47.42 -4.90
N GLU A 79 16.45 -47.83 -3.94
CA GLU A 79 16.00 -48.00 -2.56
C GLU A 79 16.90 -47.23 -1.59
N ARG A 80 16.36 -46.90 -0.43
CA ARG A 80 17.13 -46.16 0.55
C ARG A 80 17.18 -46.87 1.90
N ALA A 81 18.39 -47.13 2.38
CA ALA A 81 18.60 -47.51 3.76
C ALA A 81 19.14 -46.29 4.48
N PRO A 82 18.67 -46.06 5.72
CA PRO A 82 18.94 -44.80 6.43
C PRO A 82 20.41 -44.54 6.73
N GLY A 83 21.19 -45.58 7.01
CA GLY A 83 22.58 -45.38 7.36
C GLY A 83 22.72 -44.46 8.56
N ASN A 84 23.69 -43.55 8.49
CA ASN A 84 23.86 -42.57 9.56
C ASN A 84 23.14 -41.25 9.28
N ASP A 85 22.24 -41.26 8.30
CA ASP A 85 21.45 -40.08 7.95
C ASP A 85 20.58 -39.64 9.10
N THR A 86 20.30 -38.34 9.12
CA THR A 86 19.39 -37.77 10.09
C THR A 86 18.14 -37.27 9.35
N PHE A 87 16.98 -37.48 9.95
CA PHE A 87 15.72 -37.07 9.34
C PHE A 87 15.05 -36.03 10.22
N TYR A 88 14.46 -35.01 9.60
CA TYR A 88 13.86 -33.91 10.35
C TYR A 88 12.39 -33.74 10.03
N SER A 89 11.58 -33.53 11.06
CA SER A 89 10.16 -33.27 10.87
C SER A 89 9.97 -31.91 10.23
N LEU A 90 8.89 -31.78 9.47
CA LEU A 90 8.44 -30.50 8.94
C LEU A 90 7.31 -30.02 9.81
N GLY A 91 7.56 -28.98 10.60
CA GLY A 91 6.66 -28.67 11.68
C GLY A 91 6.99 -29.56 12.87
N PRO A 92 6.15 -29.56 13.90
CA PRO A 92 6.47 -30.27 15.14
C PRO A 92 6.08 -31.76 15.16
N SER A 93 5.45 -32.25 14.10
CA SER A 93 4.95 -33.62 14.13
C SER A 93 5.61 -34.51 13.10
N LEU A 94 5.67 -35.79 13.43
CA LEU A 94 6.34 -36.77 12.60
C LEU A 94 5.69 -38.14 12.77
N LYS A 95 5.32 -38.78 11.68
CA LYS A 95 4.74 -40.11 11.76
C LYS A 95 5.71 -41.16 11.23
N VAL A 96 5.88 -42.21 12.03
CA VAL A 96 6.69 -43.36 11.68
C VAL A 96 5.81 -44.58 11.44
N THR A 97 5.94 -45.22 10.29
CA THR A 97 5.12 -46.36 9.97
C THR A 97 5.98 -47.57 9.63
N PHE A 98 5.69 -48.71 10.23
CA PHE A 98 6.38 -49.94 9.89
C PHE A 98 5.41 -50.97 9.31
N HIS A 99 5.84 -51.61 8.23
CA HIS A 99 5.03 -52.64 7.59
C HIS A 99 5.86 -53.81 7.09
N SER A 100 5.37 -55.01 7.36
CA SER A 100 5.96 -56.23 6.83
C SER A 100 4.89 -57.01 6.04
N ASP A 101 5.31 -57.62 4.94
CA ASP A 101 4.40 -58.38 4.09
C ASP A 101 4.30 -59.85 4.54
N TYR A 102 3.91 -60.72 3.63
CA TYR A 102 3.55 -62.09 3.98
C TYR A 102 4.72 -63.02 4.29
N SER A 103 5.94 -62.65 3.89
CA SER A 103 7.07 -63.55 4.07
C SER A 103 8.44 -62.87 4.20
N ASN A 104 9.34 -63.54 4.90
CA ASN A 104 10.77 -63.18 4.96
C ASN A 104 11.62 -64.40 4.60
N GLU A 105 12.37 -64.29 3.50
CA GLU A 105 13.19 -65.41 3.04
C GLU A 105 14.43 -65.53 3.91
N LYS A 106 14.77 -64.44 4.60
CA LYS A 106 15.88 -64.41 5.56
C LYS A 106 15.40 -63.83 6.89
N PRO A 107 16.10 -64.13 7.99
CA PRO A 107 15.73 -63.59 9.31
C PRO A 107 16.14 -62.12 9.54
N PHE A 108 15.31 -61.17 9.10
CA PHE A 108 15.60 -59.74 9.26
C PHE A 108 15.32 -59.18 10.66
N THR A 109 16.26 -58.41 11.18
CA THR A 109 16.21 -57.98 12.58
C THR A 109 15.41 -56.69 12.83
N GLY A 110 15.09 -55.95 11.77
CA GLY A 110 14.23 -54.80 11.94
C GLY A 110 14.97 -53.50 12.18
N PHE A 111 14.52 -52.70 13.15
CA PHE A 111 15.17 -51.42 13.36
C PHE A 111 15.13 -50.92 14.79
N GLU A 112 16.16 -50.17 15.15
CA GLU A 112 16.15 -49.36 16.35
C GLU A 112 16.41 -47.91 15.94
N ALA A 113 15.48 -47.04 16.34
CA ALA A 113 15.54 -45.61 16.03
C ALA A 113 15.40 -44.76 17.27
N PHE A 114 16.05 -43.60 17.27
CA PHE A 114 15.94 -42.64 18.37
C PHE A 114 15.48 -41.29 17.85
N TYR A 115 14.67 -40.60 18.64
CA TYR A 115 14.25 -39.25 18.26
C TYR A 115 14.38 -38.26 19.40
N ALA A 116 14.55 -36.99 19.04
CA ALA A 116 14.62 -35.89 20.00
C ALA A 116 14.10 -34.59 19.37
N ALA A 117 13.41 -33.79 20.16
CA ALA A 117 13.01 -32.45 19.71
C ALA A 117 14.16 -31.45 19.83
N GLU A 118 14.26 -30.55 18.86
CA GLU A 118 15.21 -29.44 18.94
C GLU A 118 14.55 -28.17 18.45
N ASP A 119 15.00 -27.04 18.99
CA ASP A 119 14.43 -25.75 18.64
C ASP A 119 14.61 -25.47 17.15
N VAL A 120 13.56 -24.90 16.56
CA VAL A 120 13.64 -24.41 15.19
C VAL A 120 14.31 -23.04 15.17
N ASP A 121 15.24 -22.85 14.24
CA ASP A 121 15.87 -21.55 14.10
C ASP A 121 15.18 -20.78 12.98
N GLU A 122 14.10 -20.08 13.33
CA GLU A 122 13.33 -19.32 12.35
C GLU A 122 14.11 -18.20 11.69
N CYS A 123 15.29 -17.88 12.22
CA CYS A 123 16.10 -16.80 11.68
C CYS A 123 17.12 -17.26 10.65
N ARG A 124 17.62 -18.47 10.79
CA ARG A 124 18.69 -18.96 9.93
C ARG A 124 18.22 -20.03 8.95
N THR A 125 17.45 -21.00 9.47
CA THR A 125 16.93 -22.09 8.64
C THR A 125 15.62 -21.62 8.00
N SER A 126 15.15 -22.36 6.99
CA SER A 126 13.92 -22.03 6.27
C SER A 126 14.08 -20.60 5.74
N LEU A 127 15.33 -20.26 5.46
CA LEU A 127 15.76 -18.94 5.01
C LEU A 127 16.41 -18.95 3.63
N GLY A 128 15.73 -18.30 2.68
CA GLY A 128 16.36 -17.92 1.43
C GLY A 128 16.71 -16.45 1.51
N ASP A 129 15.98 -15.62 0.77
CA ASP A 129 16.10 -14.17 0.89
C ASP A 129 15.05 -13.73 1.92
N SER A 130 14.16 -14.65 2.24
CA SER A 130 13.01 -14.39 3.10
C SER A 130 13.30 -14.48 4.60
N VAL A 131 13.86 -13.41 5.16
CA VAL A 131 13.98 -13.27 6.61
C VAL A 131 12.63 -12.81 7.15
N PRO A 132 12.14 -13.47 8.21
CA PRO A 132 10.82 -13.08 8.72
C PRO A 132 10.83 -11.71 9.41
N CYS A 133 12.00 -11.13 9.62
CA CYS A 133 12.06 -9.84 10.31
C CYS A 133 12.62 -8.75 9.42
N ASP A 134 12.14 -7.54 9.64
CA ASP A 134 12.54 -6.38 8.87
C ASP A 134 13.99 -5.99 9.15
N HIS A 135 14.34 -5.90 10.43
CA HIS A 135 15.68 -5.50 10.85
C HIS A 135 16.43 -6.63 11.55
N TYR A 136 16.08 -6.86 12.82
CA TYR A 136 16.77 -7.87 13.62
C TYR A 136 15.88 -9.06 13.95
N CYS A 137 16.37 -10.26 13.64
CA CYS A 137 15.66 -11.50 13.98
C CYS A 137 16.39 -12.21 15.12
N HIS A 138 15.68 -12.46 16.21
CA HIS A 138 16.26 -13.13 17.37
C HIS A 138 15.65 -14.50 17.54
N ASN A 139 16.47 -15.53 17.48
CA ASN A 139 16.00 -16.90 17.75
C ASN A 139 16.01 -17.21 19.23
N TYR A 140 14.97 -17.87 19.71
CA TYR A 140 15.03 -18.44 21.05
C TYR A 140 14.25 -19.77 21.11
N LEU A 141 14.42 -20.49 22.22
CA LEU A 141 13.82 -21.81 22.38
C LEU A 141 12.29 -21.77 22.32
N GLY A 142 11.73 -22.29 21.24
CA GLY A 142 10.29 -22.33 21.08
C GLY A 142 9.73 -21.14 20.30
N GLY A 143 10.59 -20.24 19.86
CA GLY A 143 10.12 -19.10 19.11
C GLY A 143 11.17 -18.17 18.52
N TYR A 144 10.72 -17.00 18.11
CA TYR A 144 11.59 -15.96 17.60
C TYR A 144 10.96 -14.60 17.91
N TYR A 145 11.76 -13.56 17.85
CA TYR A 145 11.27 -12.21 18.08
C TYR A 145 11.95 -11.23 17.15
N CYS A 146 11.26 -10.16 16.80
CA CYS A 146 11.79 -9.18 15.86
C CYS A 146 12.10 -7.89 16.60
N SER A 147 13.15 -7.20 16.20
CA SER A 147 13.42 -5.87 16.76
C SER A 147 13.97 -4.95 15.68
N CYS A 148 14.10 -3.66 16.01
CA CYS A 148 14.46 -2.68 14.99
C CYS A 148 15.67 -1.85 15.39
N ARG A 149 16.31 -1.22 14.40
CA ARG A 149 17.40 -0.30 14.66
C ARG A 149 16.91 0.89 15.46
N VAL A 150 17.85 1.64 16.01
CA VAL A 150 17.53 2.86 16.73
C VAL A 150 16.85 3.85 15.80
N GLY A 151 15.85 4.56 16.33
CA GLY A 151 15.10 5.53 15.53
C GLY A 151 13.90 4.90 14.87
N TYR A 152 13.65 3.64 15.20
CA TYR A 152 12.48 2.94 14.69
C TYR A 152 11.62 2.43 15.84
N ILE A 153 10.48 1.84 15.49
CA ILE A 153 9.65 1.16 16.47
C ILE A 153 8.95 0.01 15.77
N LEU A 154 8.87 -1.13 16.45
CA LEU A 154 8.28 -2.33 15.88
C LEU A 154 6.79 -2.12 15.63
N HIS A 155 6.38 -2.34 14.38
CA HIS A 155 4.98 -2.23 14.01
C HIS A 155 4.13 -3.27 14.76
N GLN A 156 2.81 -3.07 14.75
CA GLN A 156 1.89 -3.98 15.42
C GLN A 156 1.92 -5.39 14.84
N ASN A 157 2.36 -5.51 13.60
CA ASN A 157 2.47 -6.83 12.98
C ASN A 157 3.69 -7.59 13.53
N LYS A 158 4.42 -6.92 14.42
CA LYS A 158 5.52 -7.51 15.17
C LYS A 158 6.69 -7.97 14.30
N HIS A 159 6.75 -7.48 13.06
CA HIS A 159 7.82 -7.85 12.14
C HIS A 159 8.40 -6.63 11.42
N THR A 160 7.55 -5.66 11.11
CA THR A 160 7.94 -4.48 10.34
C THR A 160 8.47 -3.39 11.25
N CYS A 161 9.50 -2.69 10.78
CA CYS A 161 10.07 -1.58 11.52
C CYS A 161 9.59 -0.23 10.97
N SER A 162 8.81 0.50 11.76
CA SER A 162 8.32 1.81 11.36
C SER A 162 9.26 2.94 11.82
N ALA A 163 9.67 3.78 10.89
CA ALA A 163 10.54 4.91 11.21
C ALA A 163 9.84 5.89 12.15
N LEU A 164 10.61 6.47 13.05
CA LEU A 164 10.15 7.61 13.84
C LEU A 164 10.65 8.87 13.15
N CYS A 165 9.86 9.38 12.22
CA CYS A 165 10.30 10.45 11.34
C CYS A 165 9.38 11.65 11.41
N SER A 166 8.37 11.55 12.27
CA SER A 166 7.51 12.68 12.59
C SER A 166 8.14 13.49 13.72
N GLY A 167 7.76 14.77 13.83
CA GLY A 167 8.17 15.56 14.96
C GLY A 167 9.28 16.54 14.67
N GLN A 168 9.93 16.37 13.53
CA GLN A 168 10.98 17.30 13.12
C GLN A 168 10.37 18.68 12.90
N VAL A 169 10.74 19.63 13.76
CA VAL A 169 10.26 20.99 13.63
C VAL A 169 11.43 21.92 13.33
N PHE A 170 11.51 22.33 12.06
CA PHE A 170 12.60 23.19 11.61
C PHE A 170 12.26 24.66 11.80
N THR A 171 13.23 25.38 12.35
CA THR A 171 13.15 26.82 12.53
C THR A 171 14.31 27.52 11.80
N GLY A 172 15.42 26.81 11.61
CA GLY A 172 16.49 27.32 10.77
C GLY A 172 15.87 27.48 9.39
N ARG A 173 16.08 28.61 8.75
CA ARG A 173 15.24 28.92 7.61
C ARG A 173 15.77 28.41 6.27
N SER A 174 17.08 28.33 6.10
CA SER A 174 17.59 27.62 4.94
C SER A 174 17.93 26.22 5.43
N GLY A 175 17.58 25.19 4.66
CA GLY A 175 17.88 23.85 5.12
C GLY A 175 17.46 22.69 4.25
N PHE A 176 17.90 21.50 4.63
CA PHE A 176 17.57 20.29 3.91
C PHE A 176 16.62 19.40 4.72
N LEU A 177 15.95 18.49 4.01
CA LEU A 177 14.93 17.64 4.60
C LEU A 177 14.80 16.40 3.74
N SER A 178 14.47 15.25 4.32
CA SER A 178 14.58 14.00 3.56
C SER A 178 13.73 12.85 4.07
N SER A 179 13.49 11.89 3.18
CA SER A 179 12.91 10.60 3.56
C SER A 179 13.96 9.80 4.33
N PRO A 180 13.52 8.93 5.25
CA PRO A 180 14.44 8.10 6.04
C PRO A 180 15.42 7.29 5.19
N GLU A 181 16.67 7.20 5.66
CA GLU A 181 17.72 6.36 5.08
C GLU A 181 18.21 6.78 3.70
N TYR A 182 17.59 7.80 3.12
CA TYR A 182 17.99 8.29 1.80
C TYR A 182 19.50 8.46 1.70
N PRO A 183 20.10 8.00 0.59
CA PRO A 183 19.43 7.41 -0.57
C PRO A 183 19.20 5.91 -0.49
N GLN A 184 19.16 5.34 0.71
CA GLN A 184 18.79 3.93 0.87
C GLN A 184 17.27 3.81 0.80
N PRO A 185 16.76 2.60 0.50
CA PRO A 185 15.31 2.38 0.46
C PRO A 185 14.61 2.91 1.70
N TYR A 186 13.50 3.63 1.52
CA TYR A 186 12.73 4.12 2.65
C TYR A 186 11.91 2.99 3.27
N PRO A 187 11.76 3.03 4.60
CA PRO A 187 11.09 1.96 5.37
C PRO A 187 9.62 1.78 5.01
N LYS A 188 9.07 0.65 5.44
CA LYS A 188 7.68 0.30 5.19
C LYS A 188 6.80 0.77 6.34
N LEU A 189 5.51 0.91 6.07
CA LEU A 189 4.51 1.27 7.07
C LEU A 189 4.92 2.44 7.97
N SER A 190 5.50 3.46 7.37
CA SER A 190 5.94 4.64 8.12
C SER A 190 5.05 5.84 7.82
N SER A 191 4.86 6.69 8.83
CA SER A 191 4.12 7.94 8.67
C SER A 191 4.98 9.12 9.11
N CYS A 192 5.66 9.74 8.15
CA CYS A 192 6.52 10.88 8.41
C CYS A 192 5.78 12.21 8.30
N ALA A 193 6.15 13.16 9.17
CA ALA A 193 5.57 14.49 9.21
C ALA A 193 6.61 15.53 9.62
N TYR A 194 6.97 16.41 8.70
CA TYR A 194 7.98 17.43 8.93
C TYR A 194 7.36 18.82 8.93
N ASN A 195 7.63 19.59 9.96
CA ASN A 195 7.01 20.90 10.14
C ASN A 195 8.01 22.05 10.10
N ILE A 196 7.85 22.95 9.13
CA ILE A 196 8.65 24.17 9.10
C ILE A 196 7.85 25.30 9.71
N ARG A 197 8.27 25.76 10.88
CA ARG A 197 7.51 26.79 11.58
C ARG A 197 8.36 28.01 11.94
N LEU A 198 8.22 29.09 11.18
CA LEU A 198 9.02 30.27 11.45
C LEU A 198 8.19 31.55 11.56
N GLU A 199 8.89 32.67 11.83
CA GLU A 199 8.29 33.96 12.14
C GLU A 199 7.38 34.49 11.03
N GLU A 200 6.32 35.18 11.45
CA GLU A 200 5.28 35.70 10.56
C GLU A 200 5.78 36.79 9.62
N GLY A 201 5.18 36.85 8.44
CA GLY A 201 5.54 37.83 7.43
C GLY A 201 6.58 37.34 6.43
N PHE A 202 7.04 36.11 6.64
CA PHE A 202 8.02 35.50 5.75
C PHE A 202 7.41 34.41 4.85
N SER A 203 7.99 34.21 3.66
CA SER A 203 7.47 33.23 2.70
C SER A 203 8.55 32.22 2.26
N ILE A 204 8.22 30.94 2.31
CA ILE A 204 9.17 29.87 2.03
C ILE A 204 9.10 29.36 0.58
N THR A 205 10.21 28.81 0.09
CA THR A 205 10.24 28.20 -1.24
C THR A 205 10.94 26.84 -1.15
N LEU A 206 10.27 25.80 -1.64
CA LEU A 206 10.75 24.43 -1.48
C LEU A 206 11.29 23.84 -2.78
N ASP A 207 12.43 23.14 -2.69
CA ASP A 207 13.08 22.57 -3.87
C ASP A 207 13.49 21.12 -3.67
N PHE A 208 12.96 20.22 -4.50
CA PHE A 208 13.46 18.84 -4.55
C PHE A 208 14.82 18.78 -5.23
N VAL A 209 15.73 17.98 -4.69
CA VAL A 209 17.10 17.94 -5.21
C VAL A 209 17.59 16.52 -5.46
N GLU A 210 18.62 16.42 -6.31
CA GLU A 210 19.28 15.16 -6.68
C GLU A 210 18.36 14.09 -7.26
N SER A 211 18.07 13.05 -6.47
CA SER A 211 17.27 11.93 -6.97
C SER A 211 15.85 11.88 -6.40
N PHE A 212 14.96 11.23 -7.14
CA PHE A 212 13.57 11.06 -6.70
C PHE A 212 13.04 9.69 -7.11
N ASP A 213 12.58 8.92 -6.13
CA ASP A 213 12.06 7.58 -6.38
C ASP A 213 10.95 7.23 -5.38
N VAL A 214 9.72 7.31 -5.85
CA VAL A 214 8.55 6.98 -5.04
C VAL A 214 7.66 6.00 -5.81
N GLU A 215 7.15 4.98 -5.14
CA GLU A 215 6.37 3.91 -5.76
C GLU A 215 5.17 4.42 -6.57
N MET A 216 5.09 3.96 -7.81
CA MET A 216 4.09 4.45 -8.76
C MET A 216 3.12 3.34 -9.19
N HIS A 217 1.94 3.74 -9.65
CA HIS A 217 1.01 2.81 -10.26
C HIS A 217 0.96 3.05 -11.77
N PRO A 218 0.87 1.98 -12.55
CA PRO A 218 0.76 2.03 -14.01
C PRO A 218 -0.23 3.08 -14.53
N GLU A 219 -1.48 3.01 -14.13
CA GLU A 219 -2.49 3.93 -14.67
C GLU A 219 -3.08 4.87 -13.61
N ALA A 220 -2.95 4.50 -12.34
CA ALA A 220 -3.29 5.43 -11.27
C ALA A 220 -2.05 6.23 -10.94
N GLN A 221 -2.11 7.10 -9.94
CA GLN A 221 -0.95 7.91 -9.61
C GLN A 221 -0.20 7.39 -8.40
N CYS A 222 -0.57 7.87 -7.22
CA CYS A 222 0.19 7.59 -6.00
C CYS A 222 -0.70 7.05 -4.89
N PRO A 223 -1.11 5.78 -5.01
CA PRO A 223 -2.01 5.15 -4.04
C PRO A 223 -1.27 4.40 -2.95
N TYR A 224 0.00 4.10 -3.18
CA TYR A 224 0.79 3.28 -2.27
C TYR A 224 1.55 4.15 -1.28
N ASP A 225 2.55 4.85 -1.81
CA ASP A 225 3.34 5.79 -1.03
C ASP A 225 2.93 7.21 -1.42
N SER A 226 2.59 8.02 -0.42
CA SER A 226 2.03 9.34 -0.67
C SER A 226 2.88 10.47 -0.06
N LEU A 227 3.45 11.31 -0.92
CA LEU A 227 4.20 12.48 -0.45
C LEU A 227 3.48 13.79 -0.76
N LYS A 228 3.02 14.49 0.28
CA LYS A 228 2.25 15.71 0.07
C LYS A 228 2.77 16.91 0.87
N ILE A 229 2.53 18.11 0.33
CA ILE A 229 2.97 19.36 0.95
C ILE A 229 1.77 20.25 1.27
N GLN A 230 1.81 20.93 2.40
CA GLN A 230 0.64 21.66 2.88
C GLN A 230 0.95 23.02 3.48
N THR A 231 0.47 24.07 2.84
CA THR A 231 0.50 25.40 3.44
C THR A 231 -0.89 25.67 4.00
N ASP A 232 -0.96 26.55 5.01
CA ASP A 232 -2.24 26.81 5.69
C ASP A 232 -3.36 27.34 4.79
N LYS A 233 -3.03 27.67 3.55
CA LYS A 233 -4.01 28.15 2.60
C LYS A 233 -4.14 27.26 1.35
N ARG A 234 -3.29 26.24 1.23
CA ARG A 234 -3.26 25.44 0.00
C ARG A 234 -2.60 24.06 0.18
N GLU A 235 -2.86 23.17 -0.78
CA GLU A 235 -2.22 21.84 -0.79
C GLU A 235 -1.53 21.51 -2.11
N TYR A 236 -0.43 20.78 -2.02
CA TYR A 236 0.38 20.37 -3.16
C TYR A 236 0.68 18.87 -3.10
N GLY A 237 0.75 18.22 -4.26
CA GLY A 237 1.05 16.78 -4.31
C GLY A 237 -0.14 15.90 -4.65
N PRO A 238 0.04 14.56 -4.61
CA PRO A 238 1.23 13.78 -4.24
C PRO A 238 2.22 13.56 -5.39
N PHE A 239 3.48 13.36 -5.07
CA PHE A 239 4.51 13.15 -6.08
C PHE A 239 4.99 11.69 -6.13
N CYS A 240 5.03 11.11 -7.31
CA CYS A 240 5.51 9.74 -7.48
C CYS A 240 6.46 9.63 -8.67
N GLY A 241 6.47 8.47 -9.31
CA GLY A 241 7.35 8.23 -10.44
C GLY A 241 8.81 8.24 -10.05
N LYS A 242 9.68 8.53 -11.02
CA LYS A 242 11.12 8.56 -10.77
C LYS A 242 11.75 9.78 -11.44
N THR A 243 10.97 10.84 -11.56
CA THR A 243 11.49 12.11 -12.06
C THR A 243 11.35 13.21 -11.01
N LEU A 244 12.40 13.98 -10.84
CA LEU A 244 12.40 15.10 -9.88
C LEU A 244 11.34 16.14 -10.22
N PRO A 245 10.36 16.33 -9.33
CA PRO A 245 9.25 17.26 -9.51
C PRO A 245 9.71 18.71 -9.57
N PRO A 246 8.96 19.57 -10.27
CA PRO A 246 9.35 20.98 -10.43
C PRO A 246 9.34 21.75 -9.10
N ARG A 247 9.94 22.93 -9.12
CA ARG A 247 10.03 23.78 -7.94
C ARG A 247 8.64 24.18 -7.43
N ILE A 248 8.55 24.50 -6.15
CA ILE A 248 7.30 24.99 -5.56
C ILE A 248 7.56 26.24 -4.72
N GLU A 249 6.68 27.23 -4.86
CA GLU A 249 6.82 28.50 -4.15
C GLU A 249 5.62 28.77 -3.25
N THR A 250 5.87 28.81 -1.95
CA THR A 250 4.81 29.02 -0.96
C THR A 250 4.63 30.49 -0.57
N ASP A 251 3.42 30.83 -0.15
CA ASP A 251 3.12 32.17 0.33
C ASP A 251 3.37 32.28 1.83
N SER A 252 3.21 31.15 2.52
CA SER A 252 3.13 31.12 3.97
C SER A 252 4.48 30.89 4.67
N ASN A 253 4.56 31.32 5.92
CA ASN A 253 5.72 31.07 6.76
C ASN A 253 5.79 29.66 7.34
N LYS A 254 4.64 29.00 7.45
CA LYS A 254 4.58 27.66 8.01
C LYS A 254 4.16 26.61 6.98
N VAL A 255 4.96 25.56 6.82
CA VAL A 255 4.68 24.52 5.84
C VAL A 255 4.77 23.12 6.47
N THR A 256 3.93 22.20 6.03
CA THR A 256 3.95 20.83 6.55
C THR A 256 4.08 19.77 5.45
N ILE A 257 5.12 18.96 5.55
CA ILE A 257 5.37 17.88 4.58
C ILE A 257 5.04 16.51 5.19
N THR A 258 4.20 15.73 4.51
CA THR A 258 3.86 14.40 5.00
C THR A 258 4.24 13.32 4.01
N PHE A 259 4.86 12.25 4.52
CA PHE A 259 5.27 11.12 3.70
C PHE A 259 4.73 9.82 4.28
N THR A 260 3.90 9.12 3.52
CA THR A 260 3.31 7.87 3.99
C THR A 260 3.78 6.71 3.12
N THR A 261 4.17 5.61 3.75
CA THR A 261 4.63 4.45 2.99
C THR A 261 3.80 3.21 3.30
N ASP A 262 3.66 2.33 2.32
CA ASP A 262 2.87 1.11 2.50
C ASP A 262 3.78 -0.08 2.87
N GLU A 263 3.23 -1.29 2.79
CA GLU A 263 3.91 -2.46 3.34
C GLU A 263 5.04 -3.04 2.49
N SER A 264 5.30 -2.49 1.30
CA SER A 264 6.30 -3.11 0.43
C SER A 264 6.95 -2.14 -0.54
N GLY A 265 8.15 -2.49 -1.00
CA GLY A 265 8.91 -1.70 -1.95
C GLY A 265 10.27 -1.33 -1.40
N ASN A 266 11.22 -1.06 -2.32
CA ASN A 266 12.58 -0.69 -1.94
C ASN A 266 13.03 0.61 -2.60
N HIS A 267 12.08 1.54 -2.78
CA HIS A 267 12.35 2.78 -3.49
C HIS A 267 13.19 3.71 -2.62
N THR A 268 14.03 4.51 -3.26
CA THR A 268 15.05 5.30 -2.55
C THR A 268 14.49 6.51 -1.81
N GLY A 269 13.56 7.23 -2.43
CA GLY A 269 12.94 8.37 -1.76
C GLY A 269 13.28 9.73 -2.35
N TRP A 270 13.41 10.72 -1.47
CA TRP A 270 13.48 12.11 -1.91
C TRP A 270 14.27 13.02 -0.98
N LYS A 271 14.87 14.05 -1.56
CA LYS A 271 15.45 15.16 -0.79
C LYS A 271 14.71 16.45 -1.10
N ILE A 272 14.77 17.40 -0.16
CA ILE A 272 14.14 18.70 -0.32
C ILE A 272 14.98 19.80 0.30
N HIS A 273 15.35 20.79 -0.51
CA HIS A 273 16.07 21.97 -0.04
C HIS A 273 15.13 23.17 0.00
N TYR A 274 14.94 23.75 1.18
CA TYR A 274 14.04 24.90 1.29
C TYR A 274 14.81 26.18 1.66
N THR A 275 14.41 27.26 0.99
CA THR A 275 15.05 28.58 1.07
C THR A 275 14.07 29.64 1.57
N SER A 276 14.43 30.91 1.42
CA SER A 276 13.64 31.96 2.04
C SER A 276 13.79 33.38 1.49
N THR A 277 12.69 34.14 1.58
CA THR A 277 12.66 35.57 1.25
C THR A 277 11.68 36.31 2.16
N ALA A 278 11.40 37.56 1.81
CA ALA A 278 10.46 38.38 2.60
C ALA A 278 9.26 38.80 1.76
N SER B 1 -21.87 -0.92 -24.05
CA SER B 1 -20.70 -0.91 -24.91
C SER B 1 -20.19 -2.32 -25.22
N LYS B 2 -18.93 -2.40 -25.62
CA LYS B 2 -18.29 -3.66 -26.02
C LYS B 2 -16.86 -3.78 -25.50
N TRP B 3 -16.51 -4.93 -24.92
CA TRP B 3 -15.15 -5.15 -24.39
C TRP B 3 -14.67 -6.57 -24.74
N PRO B 4 -13.36 -6.75 -24.97
CA PRO B 4 -12.89 -8.11 -25.31
C PRO B 4 -13.11 -9.15 -24.21
N GLU B 5 -13.00 -8.73 -22.95
CA GLU B 5 -13.28 -9.59 -21.81
C GLU B 5 -14.67 -9.30 -21.23
N PRO B 6 -15.35 -10.34 -20.72
CA PRO B 6 -16.69 -10.28 -20.14
C PRO B 6 -16.78 -9.61 -18.77
N VAL B 7 -17.98 -9.14 -18.41
CA VAL B 7 -18.22 -8.52 -17.10
C VAL B 7 -18.12 -9.50 -15.92
N PHE B 8 -18.01 -10.78 -16.23
CA PHE B 8 -18.05 -11.81 -15.19
C PHE B 8 -17.39 -13.06 -15.73
N GLY B 9 -16.80 -13.87 -14.85
CA GLY B 9 -16.15 -15.08 -15.30
C GLY B 9 -15.71 -16.05 -14.21
N ARG B 10 -15.12 -17.16 -14.65
CA ARG B 10 -14.82 -18.27 -13.75
C ARG B 10 -13.43 -18.87 -14.00
N LEU B 11 -12.68 -19.05 -12.92
CA LEU B 11 -11.35 -19.66 -13.00
C LEU B 11 -11.29 -20.88 -12.11
N VAL B 12 -10.71 -21.97 -12.62
CA VAL B 12 -10.53 -23.17 -11.79
C VAL B 12 -9.14 -23.76 -11.95
N SER B 13 -8.70 -24.44 -10.89
CA SER B 13 -7.46 -25.22 -10.94
C SER B 13 -7.59 -26.32 -11.99
N PRO B 14 -6.47 -26.68 -12.63
CA PRO B 14 -6.47 -27.72 -13.67
C PRO B 14 -7.15 -29.00 -13.21
N GLY B 15 -8.19 -29.40 -13.93
CA GLY B 15 -8.87 -30.65 -13.64
C GLY B 15 -10.01 -30.55 -12.64
N PHE B 16 -10.20 -29.35 -12.07
CA PHE B 16 -11.28 -29.11 -11.12
C PHE B 16 -12.62 -29.63 -11.66
N PRO B 17 -13.41 -30.29 -10.82
CA PRO B 17 -13.22 -30.52 -9.38
C PRO B 17 -12.41 -31.78 -9.03
N GLU B 18 -11.78 -32.40 -10.01
CA GLU B 18 -10.89 -33.52 -9.75
C GLU B 18 -9.58 -33.01 -9.14
N LYS B 19 -8.83 -33.92 -8.53
CA LYS B 19 -7.56 -33.58 -7.92
C LYS B 19 -6.62 -32.94 -8.94
N TYR B 20 -5.94 -31.86 -8.54
CA TYR B 20 -4.96 -31.26 -9.43
C TYR B 20 -3.64 -32.02 -9.34
N GLY B 21 -2.85 -31.96 -10.41
CA GLY B 21 -1.62 -32.71 -10.47
C GLY B 21 -0.38 -31.96 -10.00
N ASN B 22 0.78 -32.55 -10.23
CA ASN B 22 2.04 -31.97 -9.80
C ASN B 22 2.71 -31.15 -10.89
N HIS B 23 3.62 -30.27 -10.47
CA HIS B 23 4.40 -29.43 -11.37
C HIS B 23 3.54 -28.64 -12.35
N GLN B 24 2.39 -28.18 -11.88
CA GLN B 24 1.49 -27.42 -12.73
C GLN B 24 1.66 -25.93 -12.50
N ASP B 25 1.54 -25.15 -13.57
CA ASP B 25 1.63 -23.70 -13.49
C ASP B 25 0.59 -23.05 -14.39
N ARG B 26 -0.27 -22.22 -13.81
CA ARG B 26 -1.24 -21.49 -14.62
C ARG B 26 -1.25 -20.02 -14.22
N SER B 27 -1.56 -19.15 -15.17
CA SER B 27 -1.76 -17.76 -14.83
C SER B 27 -2.78 -17.12 -15.76
N TRP B 28 -3.69 -16.38 -15.15
CA TRP B 28 -4.71 -15.64 -15.88
C TRP B 28 -4.57 -14.16 -15.58
N THR B 29 -4.45 -13.35 -16.62
CA THR B 29 -4.52 -11.92 -16.46
C THR B 29 -5.91 -11.45 -16.86
N LEU B 30 -6.63 -10.89 -15.89
CA LEU B 30 -7.97 -10.38 -16.12
C LEU B 30 -7.94 -8.86 -16.21
N THR B 31 -8.57 -8.31 -17.24
CA THR B 31 -8.53 -6.87 -17.45
C THR B 31 -9.90 -6.25 -17.75
N ALA B 32 -10.34 -5.35 -16.88
CA ALA B 32 -11.58 -4.62 -17.08
C ALA B 32 -11.29 -3.31 -17.84
N PRO B 33 -12.34 -2.68 -18.41
CA PRO B 33 -12.19 -1.36 -19.05
C PRO B 33 -11.79 -0.27 -18.04
N PRO B 34 -11.29 0.87 -18.54
CA PRO B 34 -11.03 1.99 -17.64
C PRO B 34 -12.31 2.42 -16.95
N GLY B 35 -12.22 2.76 -15.66
CA GLY B 35 -13.37 3.18 -14.89
C GLY B 35 -14.01 2.04 -14.10
N PHE B 36 -13.54 0.83 -14.36
CA PHE B 36 -14.00 -0.34 -13.61
C PHE B 36 -12.88 -0.97 -12.82
N ARG B 37 -13.22 -1.68 -11.74
CA ARG B 37 -12.24 -2.54 -11.09
C ARG B 37 -12.78 -3.96 -11.05
N LEU B 38 -11.91 -4.90 -10.72
CA LEU B 38 -12.29 -6.31 -10.68
C LEU B 38 -12.45 -6.80 -9.24
N ARG B 39 -13.44 -7.65 -9.05
CA ARG B 39 -13.74 -8.23 -7.76
C ARG B 39 -13.72 -9.77 -7.85
N LEU B 40 -12.84 -10.41 -7.08
CA LEU B 40 -12.65 -11.86 -7.18
C LEU B 40 -12.82 -12.56 -5.84
N TYR B 41 -13.46 -13.73 -5.86
CA TYR B 41 -13.66 -14.51 -4.65
C TYR B 41 -13.65 -16.00 -4.96
N PHE B 42 -13.61 -16.84 -3.93
CA PHE B 42 -13.48 -18.28 -4.12
C PHE B 42 -14.71 -19.04 -3.59
N THR B 43 -15.32 -19.86 -4.44
CA THR B 43 -16.39 -20.74 -3.99
C THR B 43 -15.80 -22.02 -3.44
N HIS B 44 -14.64 -22.41 -3.96
CA HIS B 44 -14.00 -23.63 -3.46
C HIS B 44 -12.51 -23.41 -3.31
N PHE B 45 -11.96 -23.83 -2.17
CA PHE B 45 -10.52 -23.75 -1.98
C PHE B 45 -9.97 -24.83 -1.05
N ASN B 46 -9.13 -25.67 -1.63
CA ASN B 46 -8.52 -26.79 -0.93
C ASN B 46 -7.18 -27.11 -1.57
N LEU B 47 -6.14 -26.51 -1.03
CA LEU B 47 -4.78 -26.72 -1.52
C LEU B 47 -3.95 -27.37 -0.43
N GLU B 48 -2.82 -27.95 -0.81
CA GLU B 48 -1.86 -28.43 0.16
C GLU B 48 -1.46 -27.31 1.11
N LEU B 49 -1.46 -27.61 2.40
CA LEU B 49 -1.02 -26.64 3.39
C LEU B 49 0.49 -26.74 3.56
N SER B 50 1.15 -25.59 3.59
CA SER B 50 2.60 -25.57 3.78
C SER B 50 3.02 -24.27 4.42
N TYR B 51 4.16 -24.31 5.09
CA TYR B 51 4.69 -23.14 5.76
C TYR B 51 4.89 -22.03 4.72
N ARG B 52 4.16 -20.94 4.90
CA ARG B 52 4.22 -19.78 4.00
C ARG B 52 3.81 -20.12 2.57
N CYS B 53 3.02 -21.17 2.41
CA CYS B 53 2.51 -21.59 1.10
C CYS B 53 3.62 -21.76 0.08
N GLU B 54 4.72 -22.36 0.51
CA GLU B 54 5.90 -22.57 -0.33
C GLU B 54 5.68 -23.70 -1.35
N TYR B 55 4.88 -24.70 -0.99
CA TYR B 55 4.67 -25.85 -1.87
C TYR B 55 3.68 -25.53 -2.97
N ASP B 56 2.40 -25.50 -2.63
CA ASP B 56 1.36 -25.16 -3.58
C ASP B 56 0.73 -23.81 -3.20
N PHE B 57 0.41 -22.99 -4.19
CA PHE B 57 -0.24 -21.73 -3.88
C PHE B 57 -1.07 -21.13 -5.00
N VAL B 58 -1.96 -20.24 -4.59
CA VAL B 58 -2.59 -19.30 -5.51
C VAL B 58 -2.17 -17.90 -5.10
N LYS B 59 -1.59 -17.16 -6.03
CA LYS B 59 -1.13 -15.81 -5.75
C LYS B 59 -1.96 -14.81 -6.55
N LEU B 60 -2.56 -13.85 -5.85
CA LEU B 60 -3.31 -12.77 -6.47
C LEU B 60 -2.48 -11.51 -6.42
N THR B 61 -2.17 -10.97 -7.59
CA THR B 61 -1.41 -9.73 -7.68
C THR B 61 -2.16 -8.68 -8.49
N SER B 62 -1.88 -7.41 -8.19
CA SER B 62 -2.50 -6.31 -8.91
C SER B 62 -1.49 -5.20 -9.03
N GLY B 63 -1.23 -4.76 -10.26
CA GLY B 63 -0.19 -3.78 -10.50
C GLY B 63 1.14 -4.34 -10.07
N THR B 64 1.73 -3.71 -9.05
CA THR B 64 3.03 -4.14 -8.53
C THR B 64 2.86 -4.86 -7.19
N LYS B 65 1.62 -4.98 -6.72
CA LYS B 65 1.38 -5.50 -5.39
C LYS B 65 0.93 -6.94 -5.42
N VAL B 66 1.34 -7.70 -4.40
CA VAL B 66 0.78 -9.02 -4.18
C VAL B 66 -0.40 -8.89 -3.24
N LEU B 67 -1.60 -9.12 -3.76
CA LEU B 67 -2.80 -8.99 -2.96
C LEU B 67 -2.89 -10.11 -1.95
N ALA B 68 -2.55 -11.32 -2.38
CA ALA B 68 -2.63 -12.46 -1.47
C ALA B 68 -1.84 -13.67 -1.93
N THR B 69 -1.39 -14.47 -0.96
CA THR B 69 -0.82 -15.78 -1.22
C THR B 69 -1.61 -16.81 -0.41
N LEU B 70 -2.23 -17.75 -1.11
CA LEU B 70 -3.21 -18.63 -0.51
C LEU B 70 -2.87 -20.11 -0.66
N CYS B 71 -3.10 -20.88 0.41
CA CYS B 71 -3.00 -22.34 0.38
C CYS B 71 -3.84 -22.94 1.51
N GLY B 72 -3.92 -24.27 1.59
CA GLY B 72 -4.67 -24.93 2.64
C GLY B 72 -6.18 -24.91 2.45
N GLN B 73 -6.91 -25.00 3.56
CA GLN B 73 -8.38 -24.97 3.58
C GLN B 73 -8.87 -23.92 4.55
N GLU B 74 -8.23 -23.85 5.71
CA GLU B 74 -8.56 -22.85 6.72
C GLU B 74 -7.29 -22.13 7.16
N SER B 75 -7.39 -20.81 7.21
CA SER B 75 -6.25 -19.92 7.50
C SER B 75 -5.60 -20.23 8.84
N THR B 76 -4.27 -20.22 8.88
CA THR B 76 -3.52 -20.46 10.11
C THR B 76 -2.73 -19.22 10.54
N ASP B 77 -1.75 -19.42 11.42
CA ASP B 77 -0.96 -18.31 11.97
C ASP B 77 -0.01 -17.68 10.96
N THR B 78 0.51 -18.48 10.04
CA THR B 78 1.44 -17.98 9.04
C THR B 78 0.97 -18.27 7.62
N GLU B 79 -0.20 -18.90 7.49
CA GLU B 79 -0.78 -19.18 6.18
C GLU B 79 -2.20 -18.66 6.04
N ARG B 80 -2.61 -18.41 4.80
CA ARG B 80 -3.93 -17.89 4.54
C ARG B 80 -4.75 -18.71 3.55
N ALA B 81 -5.94 -19.12 3.98
CA ALA B 81 -6.95 -19.61 3.06
C ALA B 81 -8.00 -18.51 2.88
N PRO B 82 -8.50 -18.34 1.66
CA PRO B 82 -9.34 -17.19 1.33
C PRO B 82 -10.65 -17.13 2.09
N GLY B 83 -11.25 -18.28 2.39
CA GLY B 83 -12.54 -18.30 3.05
C GLY B 83 -13.56 -17.57 2.19
N ASN B 84 -14.41 -16.74 2.81
CA ASN B 84 -15.37 -15.97 2.04
C ASN B 84 -14.88 -14.56 1.73
N ASP B 85 -13.58 -14.32 1.91
CA ASP B 85 -13.00 -13.01 1.62
C ASP B 85 -13.15 -12.63 0.15
N THR B 86 -13.23 -11.33 -0.09
CA THR B 86 -13.27 -10.79 -1.45
C THR B 86 -12.01 -9.98 -1.72
N PHE B 87 -11.44 -10.13 -2.92
CA PHE B 87 -10.23 -9.44 -3.27
C PHE B 87 -10.50 -8.45 -4.40
N TYR B 88 -9.91 -7.26 -4.32
CA TYR B 88 -10.19 -6.21 -5.29
C TYR B 88 -8.95 -5.76 -6.03
N SER B 89 -9.07 -5.62 -7.35
CA SER B 89 -7.97 -5.12 -8.15
C SER B 89 -7.70 -3.65 -7.86
N LEU B 90 -6.44 -3.26 -8.03
CA LEU B 90 -6.03 -1.87 -8.00
C LEU B 90 -5.92 -1.41 -9.44
N GLY B 91 -6.85 -0.56 -9.87
CA GLY B 91 -7.01 -0.32 -11.28
C GLY B 91 -7.84 -1.44 -11.89
N PRO B 92 -7.92 -1.49 -13.22
CA PRO B 92 -8.81 -2.43 -13.91
C PRO B 92 -8.22 -3.83 -14.13
N SER B 93 -6.99 -4.06 -13.71
CA SER B 93 -6.34 -5.34 -14.01
C SER B 93 -5.99 -6.15 -12.75
N LEU B 94 -5.98 -7.47 -12.92
CA LEU B 94 -5.74 -8.39 -11.82
C LEU B 94 -5.18 -9.71 -12.32
N LYS B 95 -4.08 -10.17 -11.74
CA LYS B 95 -3.48 -11.43 -12.15
C LYS B 95 -3.62 -12.55 -11.11
N VAL B 96 -4.07 -13.71 -11.58
CA VAL B 96 -4.21 -14.92 -10.77
C VAL B 96 -3.17 -15.95 -11.17
N THR B 97 -2.40 -16.45 -10.21
CA THR B 97 -1.37 -17.43 -10.52
C THR B 97 -1.53 -18.69 -9.67
N PHE B 98 -1.50 -19.85 -10.32
CA PHE B 98 -1.58 -21.13 -9.62
C PHE B 98 -0.31 -21.93 -9.80
N HIS B 99 0.18 -22.51 -8.71
CA HIS B 99 1.38 -23.36 -8.77
C HIS B 99 1.32 -24.56 -7.82
N SER B 100 1.69 -25.73 -8.35
CA SER B 100 1.80 -26.93 -7.53
C SER B 100 3.20 -27.51 -7.61
N ASP B 101 3.69 -28.04 -6.49
CA ASP B 101 5.05 -28.60 -6.46
C ASP B 101 5.07 -30.08 -6.89
N TYR B 102 6.09 -30.80 -6.43
CA TYR B 102 6.38 -32.13 -6.96
C TYR B 102 5.45 -33.24 -6.48
N SER B 103 4.67 -33.02 -5.42
CA SER B 103 3.84 -34.10 -4.91
C SER B 103 2.56 -33.64 -4.23
N ASN B 104 1.55 -34.51 -4.30
CA ASN B 104 0.35 -34.39 -3.51
C ASN B 104 0.06 -35.73 -2.84
N GLU B 105 0.24 -35.79 -1.52
CA GLU B 105 0.03 -37.02 -0.77
C GLU B 105 -1.43 -37.26 -0.42
N LYS B 106 -2.22 -36.20 -0.53
CA LYS B 106 -3.67 -36.32 -0.35
C LYS B 106 -4.35 -35.74 -1.58
N PRO B 107 -5.60 -36.16 -1.83
CA PRO B 107 -6.27 -35.64 -3.03
C PRO B 107 -6.75 -34.20 -2.86
N PHE B 108 -5.87 -33.24 -3.09
CA PHE B 108 -6.27 -31.84 -2.94
C PHE B 108 -7.09 -31.44 -4.15
N THR B 109 -8.26 -30.85 -3.90
CA THR B 109 -9.23 -30.64 -4.98
C THR B 109 -9.01 -29.34 -5.76
N GLY B 110 -8.21 -28.43 -5.22
CA GLY B 110 -7.88 -27.23 -5.95
C GLY B 110 -8.79 -26.06 -5.65
N PHE B 111 -9.22 -25.33 -6.67
CA PHE B 111 -10.04 -24.15 -6.39
C PHE B 111 -11.02 -23.79 -7.49
N GLU B 112 -12.12 -23.19 -7.05
CA GLU B 112 -13.05 -22.51 -7.96
C GLU B 112 -13.19 -21.07 -7.50
N ALA B 113 -12.92 -20.15 -8.45
CA ALA B 113 -12.98 -18.71 -8.24
C ALA B 113 -13.88 -18.00 -9.26
N PHE B 114 -14.56 -16.94 -8.83
CA PHE B 114 -15.36 -16.14 -9.74
C PHE B 114 -14.93 -14.69 -9.70
N TYR B 115 -15.00 -14.02 -10.84
CA TYR B 115 -14.70 -12.60 -10.84
C TYR B 115 -15.80 -11.81 -11.53
N ALA B 116 -15.92 -10.54 -11.15
CA ALA B 116 -16.90 -9.64 -11.73
C ALA B 116 -16.36 -8.21 -11.74
N ALA B 117 -16.65 -7.50 -12.82
CA ALA B 117 -16.32 -6.09 -12.90
C ALA B 117 -17.34 -5.27 -12.13
N GLU B 118 -16.88 -4.21 -11.49
CA GLU B 118 -17.79 -3.27 -10.88
C GLU B 118 -17.30 -1.85 -11.13
N ASP B 119 -18.27 -0.94 -11.23
CA ASP B 119 -17.98 0.47 -11.49
C ASP B 119 -17.15 1.06 -10.37
N VAL B 120 -16.16 1.87 -10.72
CA VAL B 120 -15.46 2.64 -9.71
C VAL B 120 -16.27 3.90 -9.42
N ASP B 121 -16.46 4.21 -8.15
CA ASP B 121 -17.15 5.45 -7.78
C ASP B 121 -16.11 6.52 -7.50
N GLU B 122 -15.74 7.26 -8.55
CA GLU B 122 -14.73 8.32 -8.44
C GLU B 122 -15.19 9.47 -7.53
N CYS B 123 -16.46 9.48 -7.17
CA CYS B 123 -17.03 10.55 -6.33
C CYS B 123 -16.97 10.18 -4.87
N ARG B 124 -16.99 8.89 -4.56
CA ARG B 124 -17.05 8.47 -3.18
C ARG B 124 -15.69 7.94 -2.75
N THR B 125 -14.88 8.86 -2.25
CA THR B 125 -13.55 8.55 -1.77
C THR B 125 -13.67 8.12 -0.31
N SER B 126 -12.63 7.51 0.24
CA SER B 126 -12.58 7.27 1.67
C SER B 126 -12.47 8.66 2.27
N LEU B 127 -12.09 9.59 1.39
CA LEU B 127 -11.92 11.01 1.63
C LEU B 127 -10.81 11.25 2.64
N GLY B 128 -9.73 10.48 2.48
CA GLY B 128 -8.45 10.82 3.04
C GLY B 128 -7.70 11.42 1.87
N ASP B 129 -8.20 11.09 0.69
CA ASP B 129 -7.76 11.69 -0.57
C ASP B 129 -8.67 12.88 -0.89
N SER B 130 -8.40 13.57 -1.99
CA SER B 130 -9.15 14.77 -2.35
C SER B 130 -10.45 14.47 -3.10
N VAL B 131 -11.38 15.42 -3.07
CA VAL B 131 -12.58 15.36 -3.90
C VAL B 131 -12.23 15.85 -5.31
N PRO B 132 -12.61 15.06 -6.35
CA PRO B 132 -12.27 15.39 -7.73
C PRO B 132 -13.05 16.57 -8.34
N CYS B 133 -14.09 17.03 -7.66
CA CYS B 133 -14.91 18.11 -8.19
C CYS B 133 -14.92 19.31 -7.26
N ASP B 134 -15.03 20.49 -7.87
CA ASP B 134 -15.08 21.74 -7.11
C ASP B 134 -16.37 21.83 -6.32
N HIS B 135 -17.49 21.57 -6.98
CA HIS B 135 -18.80 21.65 -6.33
C HIS B 135 -19.50 20.29 -6.25
N TYR B 136 -20.07 19.85 -7.37
CA TYR B 136 -20.85 18.61 -7.40
C TYR B 136 -20.17 17.53 -8.23
N CYS B 137 -20.03 16.35 -7.63
CA CYS B 137 -19.49 15.18 -8.32
C CYS B 137 -20.59 14.15 -8.60
N HIS B 138 -20.73 13.79 -9.87
CA HIS B 138 -21.71 12.81 -10.31
C HIS B 138 -21.05 11.53 -10.83
N ASN B 139 -21.35 10.41 -10.19
CA ASN B 139 -20.85 9.09 -10.63
CA ASN B 139 -20.83 9.13 -10.66
C ASN B 139 -21.79 8.44 -11.60
N TYR B 140 -21.24 7.78 -12.62
CA TYR B 140 -22.05 6.95 -13.50
C TYR B 140 -21.22 5.73 -13.91
N LEU B 141 -21.87 4.75 -14.52
CA LEU B 141 -21.23 3.49 -14.88
C LEU B 141 -20.08 3.70 -15.86
N GLY B 142 -18.86 3.54 -15.37
CA GLY B 142 -17.68 3.69 -16.21
C GLY B 142 -17.03 5.07 -16.17
N GLY B 143 -17.63 5.99 -15.40
CA GLY B 143 -17.04 7.32 -15.32
C GLY B 143 -17.67 8.26 -14.31
N TYR B 144 -17.31 9.53 -14.41
CA TYR B 144 -17.91 10.57 -13.59
C TYR B 144 -17.85 11.90 -14.32
N TYR B 145 -18.67 12.85 -13.87
CA TYR B 145 -18.62 14.20 -14.42
C TYR B 145 -18.94 15.20 -13.31
N CYS B 146 -18.58 16.46 -13.54
CA CYS B 146 -18.69 17.52 -12.54
C CYS B 146 -19.76 18.55 -12.90
N SER B 147 -20.38 19.15 -11.87
CA SER B 147 -21.26 20.32 -12.09
C SER B 147 -21.08 21.37 -10.99
N CYS B 148 -21.72 22.53 -11.18
CA CYS B 148 -21.51 23.65 -10.26
C CYS B 148 -22.80 24.18 -9.65
N ARG B 149 -22.66 24.91 -8.54
CA ARG B 149 -23.79 25.58 -7.90
C ARG B 149 -24.37 26.65 -8.82
N VAL B 150 -25.56 27.12 -8.48
CA VAL B 150 -26.18 28.22 -9.21
C VAL B 150 -25.30 29.46 -9.09
N GLY B 151 -25.17 30.19 -10.19
CA GLY B 151 -24.34 31.37 -10.22
C GLY B 151 -22.90 31.06 -10.60
N TYR B 152 -22.65 29.81 -10.92
CA TYR B 152 -21.32 29.40 -11.38
C TYR B 152 -21.44 28.76 -12.76
N ILE B 153 -20.29 28.42 -13.34
CA ILE B 153 -20.26 27.69 -14.60
C ILE B 153 -19.02 26.81 -14.63
N LEU B 154 -19.18 25.58 -15.11
CA LEU B 154 -18.07 24.63 -15.13
C LEU B 154 -16.97 25.11 -16.07
N HIS B 155 -15.77 25.25 -15.52
CA HIS B 155 -14.60 25.65 -16.30
C HIS B 155 -14.26 24.63 -17.39
N GLN B 156 -13.41 25.04 -18.32
CA GLN B 156 -12.99 24.19 -19.42
C GLN B 156 -12.24 22.94 -18.97
N ASN B 157 -11.66 22.98 -17.78
CA ASN B 157 -10.99 21.81 -17.21
C ASN B 157 -11.99 20.75 -16.69
N LYS B 158 -13.28 21.07 -16.81
CA LYS B 158 -14.38 20.18 -16.49
C LYS B 158 -14.45 19.78 -15.01
N HIS B 159 -13.76 20.52 -14.16
CA HIS B 159 -13.75 20.24 -12.73
C HIS B 159 -13.95 21.48 -11.86
N THR B 160 -13.39 22.61 -12.30
CA THR B 160 -13.42 23.83 -11.52
C THR B 160 -14.66 24.65 -11.83
N CYS B 161 -15.25 25.24 -10.79
CA CYS B 161 -16.43 26.07 -10.97
C CYS B 161 -16.08 27.56 -10.95
N SER B 162 -16.25 28.21 -12.09
CA SER B 162 -15.97 29.63 -12.25
C SER B 162 -17.19 30.49 -11.92
N ALA B 163 -17.00 31.45 -11.02
CA ALA B 163 -18.08 32.36 -10.63
C ALA B 163 -18.58 33.22 -11.78
N LEU B 164 -19.87 33.52 -11.77
CA LEU B 164 -20.42 34.54 -12.66
C LEU B 164 -20.50 35.85 -11.89
N CYS B 165 -19.43 36.63 -11.96
CA CYS B 165 -19.27 37.80 -11.11
C CYS B 165 -19.10 39.06 -11.96
N SER B 166 -19.21 38.89 -13.27
CA SER B 166 -19.25 40.01 -14.20
C SER B 166 -20.69 40.53 -14.31
N GLY B 167 -20.84 41.79 -14.73
CA GLY B 167 -22.15 42.33 -15.03
C GLY B 167 -22.72 43.29 -14.00
N GLN B 168 -22.14 43.32 -12.81
CA GLN B 168 -22.57 44.27 -11.79
C GLN B 168 -22.28 45.71 -12.20
N VAL B 169 -23.34 46.47 -12.47
CA VAL B 169 -23.19 47.88 -12.82
C VAL B 169 -23.85 48.76 -11.76
N PHE B 170 -23.03 49.34 -10.90
CA PHE B 170 -23.53 50.18 -9.81
C PHE B 170 -23.65 51.64 -10.25
N THR B 171 -24.79 52.25 -9.92
CA THR B 171 -25.03 53.66 -10.22
C THR B 171 -25.27 54.45 -8.93
N GLY B 172 -25.65 53.73 -7.88
CA GLY B 172 -25.76 54.29 -6.55
C GLY B 172 -24.46 54.93 -6.12
N ARG B 173 -24.55 56.07 -5.45
CA ARG B 173 -23.41 56.95 -5.27
C ARG B 173 -22.51 56.57 -4.09
N SER B 174 -23.12 56.12 -3.00
CA SER B 174 -22.39 55.47 -1.91
C SER B 174 -22.64 53.96 -1.97
N GLY B 175 -21.63 53.15 -1.69
CA GLY B 175 -21.88 51.71 -1.72
C GLY B 175 -20.77 50.73 -1.42
N PHE B 176 -21.14 49.45 -1.30
CA PHE B 176 -20.18 48.38 -1.07
C PHE B 176 -20.01 47.48 -2.28
N LEU B 177 -18.89 46.76 -2.29
CA LEU B 177 -18.51 45.95 -3.42
C LEU B 177 -17.57 44.86 -2.92
N SER B 178 -17.59 43.69 -3.53
CA SER B 178 -16.88 42.58 -2.92
C SER B 178 -16.49 41.46 -3.86
N SER B 179 -15.47 40.72 -3.44
CA SER B 179 -15.11 39.47 -4.09
C SER B 179 -16.20 38.45 -3.76
N PRO B 180 -16.46 37.50 -4.66
CA PRO B 180 -17.52 36.52 -4.46
C PRO B 180 -17.39 35.77 -3.13
N GLU B 181 -18.52 35.52 -2.49
CA GLU B 181 -18.61 34.68 -1.30
C GLU B 181 -17.98 35.29 -0.05
N TYR B 182 -17.33 36.45 -0.17
CA TYR B 182 -16.69 37.11 0.96
C TYR B 182 -17.62 37.17 2.18
N PRO B 183 -17.07 36.86 3.37
CA PRO B 183 -15.67 36.57 3.65
C PRO B 183 -15.27 35.10 3.51
N GLN B 184 -16.01 34.33 2.72
CA GLN B 184 -15.60 32.96 2.43
C GLN B 184 -14.56 33.03 1.33
N PRO B 185 -13.72 31.98 1.19
CA PRO B 185 -12.72 31.94 0.12
C PRO B 185 -13.30 32.28 -1.25
N TYR B 186 -12.61 33.12 -2.00
CA TYR B 186 -13.08 33.47 -3.33
C TYR B 186 -12.81 32.31 -4.30
N PRO B 187 -13.72 32.12 -5.26
CA PRO B 187 -13.67 30.98 -6.20
C PRO B 187 -12.44 30.96 -7.09
N LYS B 188 -12.18 29.81 -7.70
CA LYS B 188 -11.02 29.63 -8.56
C LYS B 188 -11.37 29.97 -10.01
N LEU B 189 -10.34 30.30 -10.79
CA LEU B 189 -10.47 30.58 -12.22
C LEU B 189 -11.65 31.46 -12.56
N SER B 190 -11.86 32.51 -11.76
CA SER B 190 -12.96 33.43 -11.99
C SER B 190 -12.42 34.78 -12.47
N SER B 191 -13.19 35.44 -13.34
CA SER B 191 -12.85 36.78 -13.80
C SER B 191 -14.01 37.72 -13.49
N CYS B 192 -13.91 38.40 -12.35
CA CYS B 192 -14.93 39.35 -11.92
C CYS B 192 -14.68 40.76 -12.45
N ALA B 193 -15.77 41.47 -12.74
CA ALA B 193 -15.72 42.81 -13.30
C ALA B 193 -16.87 43.66 -12.75
N TYR B 194 -16.52 44.69 -11.98
CA TYR B 194 -17.50 45.57 -11.35
C TYR B 194 -17.39 47.00 -11.91
N ASN B 195 -18.52 47.56 -12.34
CA ASN B 195 -18.49 48.88 -12.97
C ASN B 195 -19.25 49.97 -12.23
N ILE B 196 -18.50 50.99 -11.80
CA ILE B 196 -19.05 52.18 -11.17
C ILE B 196 -19.17 53.33 -12.16
N ARG B 197 -20.40 53.72 -12.44
CA ARG B 197 -20.69 54.77 -13.42
C ARG B 197 -21.49 55.90 -12.79
N LEU B 198 -20.84 57.03 -12.55
CA LEU B 198 -21.49 58.13 -11.87
C LEU B 198 -21.53 59.39 -12.72
N GLU B 199 -22.29 60.38 -12.25
CA GLU B 199 -22.52 61.62 -12.98
C GLU B 199 -21.24 62.41 -13.18
N GLU B 200 -21.14 63.13 -14.28
CA GLU B 200 -19.93 63.85 -14.63
C GLU B 200 -19.66 64.97 -13.63
N GLY B 201 -18.38 65.20 -13.34
CA GLY B 201 -17.99 66.24 -12.41
C GLY B 201 -17.88 65.75 -10.98
N PHE B 202 -18.24 64.49 -10.77
CA PHE B 202 -18.17 63.92 -9.44
C PHE B 202 -16.98 62.97 -9.30
N SER B 203 -16.45 62.87 -8.09
CA SER B 203 -15.25 62.07 -7.86
C SER B 203 -15.46 61.03 -6.78
N ILE B 204 -15.04 59.81 -7.07
CA ILE B 204 -15.25 58.66 -6.21
C ILE B 204 -14.03 58.40 -5.32
N THR B 205 -14.26 57.82 -4.14
CA THR B 205 -13.17 57.47 -3.24
C THR B 205 -13.35 56.04 -2.72
N LEU B 206 -12.31 55.23 -2.88
CA LEU B 206 -12.39 53.80 -2.59
C LEU B 206 -11.65 53.44 -1.30
N ASP B 207 -12.28 52.62 -0.47
CA ASP B 207 -11.68 52.20 0.79
C ASP B 207 -11.81 50.69 1.07
N PHE B 208 -10.68 50.02 1.24
CA PHE B 208 -10.69 48.65 1.75
C PHE B 208 -11.10 48.78 3.22
N VAL B 209 -11.94 47.88 3.71
CA VAL B 209 -12.54 48.12 5.03
C VAL B 209 -12.41 47.00 6.09
N GLU B 210 -12.59 45.74 5.71
CA GLU B 210 -12.51 44.68 6.70
C GLU B 210 -11.22 43.87 6.54
N SER B 211 -11.30 42.71 5.92
CA SER B 211 -10.13 41.87 5.77
C SER B 211 -9.64 41.92 4.34
N PHE B 212 -8.37 41.59 4.15
CA PHE B 212 -7.77 41.56 2.81
C PHE B 212 -6.86 40.35 2.72
N ASP B 213 -7.14 39.48 1.76
CA ASP B 213 -6.39 38.24 1.60
C ASP B 213 -6.34 37.83 0.14
N VAL B 214 -5.24 38.16 -0.53
CA VAL B 214 -5.04 37.80 -1.92
C VAL B 214 -3.68 37.14 -2.08
N GLU B 215 -3.62 36.07 -2.89
CA GLU B 215 -2.43 35.26 -3.06
C GLU B 215 -1.22 36.11 -3.45
N MET B 216 -0.13 35.96 -2.69
CA MET B 216 1.06 36.80 -2.82
C MET B 216 2.24 35.96 -3.31
N HIS B 217 3.25 36.62 -3.89
CA HIS B 217 4.48 35.94 -4.27
C HIS B 217 5.66 36.39 -3.40
N PRO B 218 6.58 35.45 -3.08
CA PRO B 218 7.80 35.69 -2.32
C PRO B 218 8.57 36.94 -2.74
N GLU B 219 8.96 37.05 -4.01
CA GLU B 219 9.77 38.18 -4.47
C GLU B 219 9.02 39.05 -5.48
N ALA B 220 8.01 38.47 -6.12
CA ALA B 220 7.13 39.23 -7.00
C ALA B 220 5.93 39.76 -6.21
N GLN B 221 5.00 40.41 -6.90
CA GLN B 221 3.83 40.96 -6.24
C GLN B 221 2.60 40.08 -6.43
N CYS B 222 1.88 40.31 -7.52
CA CYS B 222 0.58 39.66 -7.70
C CYS B 222 0.47 38.92 -9.04
N PRO B 223 1.13 37.75 -9.16
CA PRO B 223 1.11 36.99 -10.42
C PRO B 223 0.02 35.93 -10.50
N TYR B 224 -0.54 35.53 -9.36
CA TYR B 224 -1.56 34.47 -9.32
C TYR B 224 -2.98 35.06 -9.34
N ASP B 225 -3.33 35.75 -8.25
CA ASP B 225 -4.60 36.47 -8.19
C ASP B 225 -4.34 37.97 -8.28
N SER B 226 -5.01 38.63 -9.22
CA SER B 226 -4.75 40.04 -9.50
C SER B 226 -6.00 40.92 -9.32
N LEU B 227 -5.93 41.85 -8.38
CA LEU B 227 -7.00 42.81 -8.17
C LEU B 227 -6.57 44.19 -8.64
N LYS B 228 -7.24 44.72 -9.67
CA LYS B 228 -6.85 46.00 -10.24
C LYS B 228 -8.01 46.98 -10.37
N ILE B 229 -7.70 48.27 -10.29
CA ILE B 229 -8.70 49.33 -10.39
C ILE B 229 -8.38 50.27 -11.55
N GLN B 230 -9.40 50.72 -12.27
CA GLN B 230 -9.17 51.47 -13.49
C GLN B 230 -10.11 52.66 -13.67
N THR B 231 -9.57 53.87 -13.56
CA THR B 231 -10.31 55.07 -13.91
C THR B 231 -9.87 55.54 -15.29
N ASP B 232 -10.74 56.27 -15.98
CA ASP B 232 -10.41 56.75 -17.33
C ASP B 232 -9.18 57.66 -17.36
N LYS B 233 -8.65 57.98 -16.17
CA LYS B 233 -7.47 58.83 -16.06
C LYS B 233 -6.25 58.11 -15.46
N ARG B 234 -6.45 56.91 -14.92
CA ARG B 234 -5.34 56.22 -14.23
C ARG B 234 -5.63 54.73 -13.98
N GLU B 235 -4.57 53.99 -13.66
CA GLU B 235 -4.71 52.60 -13.24
C GLU B 235 -4.03 52.40 -11.89
N TYR B 236 -4.61 51.52 -11.07
CA TYR B 236 -4.08 51.22 -9.75
C TYR B 236 -4.00 49.71 -9.59
N GLY B 237 -2.96 49.24 -8.91
CA GLY B 237 -2.76 47.82 -8.73
C GLY B 237 -1.61 47.25 -9.55
N PRO B 238 -1.44 45.92 -9.52
CA PRO B 238 -2.36 45.04 -8.80
C PRO B 238 -2.07 44.96 -7.30
N PHE B 239 -3.10 44.69 -6.52
CA PHE B 239 -2.96 44.62 -5.08
C PHE B 239 -3.01 43.18 -4.60
N CYS B 240 -2.02 42.78 -3.81
CA CYS B 240 -1.96 41.44 -3.25
C CYS B 240 -1.58 41.47 -1.78
N GLY B 241 -0.88 40.43 -1.35
CA GLY B 241 -0.48 40.30 0.04
C GLY B 241 -1.68 40.06 0.94
N LYS B 242 -1.51 40.34 2.22
CA LYS B 242 -2.59 40.11 3.18
C LYS B 242 -2.73 41.24 4.21
N THR B 243 -2.38 42.45 3.78
CA THR B 243 -2.56 43.64 4.60
C THR B 243 -3.50 44.61 3.88
N LEU B 244 -4.44 45.18 4.62
CA LEU B 244 -5.40 46.13 4.06
C LEU B 244 -4.68 47.33 3.46
N PRO B 245 -4.81 47.49 2.12
CA PRO B 245 -4.15 48.57 1.38
C PRO B 245 -4.68 49.95 1.75
N PRO B 246 -3.85 50.99 1.62
CA PRO B 246 -4.25 52.36 1.97
C PRO B 246 -5.37 52.90 1.09
N ARG B 247 -6.00 53.98 1.53
CA ARG B 247 -7.10 54.60 0.81
C ARG B 247 -6.69 55.06 -0.59
N ILE B 248 -7.65 55.15 -1.49
CA ILE B 248 -7.40 55.65 -2.84
C ILE B 248 -8.43 56.71 -3.23
N GLU B 249 -7.97 57.79 -3.85
CA GLU B 249 -8.85 58.87 -4.26
C GLU B 249 -8.82 59.07 -5.77
N THR B 250 -9.95 58.79 -6.42
CA THR B 250 -10.03 58.91 -7.87
C THR B 250 -10.56 60.27 -8.28
N ASP B 251 -10.17 60.72 -9.47
CA ASP B 251 -10.69 61.96 -10.04
C ASP B 251 -11.94 61.67 -10.86
N SER B 252 -12.06 60.43 -11.32
CA SER B 252 -13.03 60.10 -12.34
C SER B 252 -14.39 59.71 -11.79
N ASN B 253 -15.41 59.97 -12.60
CA ASN B 253 -16.77 59.51 -12.34
C ASN B 253 -16.89 58.05 -12.74
N LYS B 254 -15.96 57.60 -13.59
CA LYS B 254 -16.02 56.26 -14.16
C LYS B 254 -14.92 55.38 -13.57
N VAL B 255 -15.32 54.26 -12.95
CA VAL B 255 -14.35 53.33 -12.38
C VAL B 255 -14.70 51.90 -12.75
N THR B 256 -13.68 51.08 -13.03
CA THR B 256 -13.89 49.67 -13.31
C THR B 256 -12.91 48.84 -12.48
N ILE B 257 -13.46 47.93 -11.67
CA ILE B 257 -12.63 47.06 -10.85
C ILE B 257 -12.62 45.67 -11.43
N THR B 258 -11.44 45.12 -11.64
CA THR B 258 -11.33 43.75 -12.16
C THR B 258 -10.59 42.85 -11.18
N PHE B 259 -11.16 41.67 -10.95
CA PHE B 259 -10.58 40.71 -10.02
C PHE B 259 -10.38 39.36 -10.69
N THR B 260 -9.13 38.90 -10.77
CA THR B 260 -8.83 37.63 -11.41
C THR B 260 -8.22 36.65 -10.42
N THR B 261 -8.71 35.40 -10.48
CA THR B 261 -8.24 34.36 -9.58
C THR B 261 -7.65 33.19 -10.36
N ASP B 262 -6.73 32.47 -9.75
CA ASP B 262 -6.09 31.32 -10.41
C ASP B 262 -6.77 30.01 -10.04
N GLU B 263 -6.11 28.90 -10.38
CA GLU B 263 -6.72 27.57 -10.27
C GLU B 263 -6.68 27.00 -8.86
N SER B 264 -6.12 27.75 -7.92
CA SER B 264 -5.92 27.21 -6.57
C SER B 264 -5.85 28.29 -5.49
N GLY B 265 -6.14 27.91 -4.25
CA GLY B 265 -6.08 28.81 -3.13
C GLY B 265 -7.39 28.91 -2.38
N ASN B 266 -7.30 29.29 -1.11
CA ASN B 266 -8.49 29.45 -0.26
C ASN B 266 -8.50 30.79 0.44
N HIS B 267 -8.00 31.82 -0.22
CA HIS B 267 -7.88 33.14 0.38
C HIS B 267 -9.25 33.80 0.46
N THR B 268 -9.47 34.60 1.49
CA THR B 268 -10.81 35.13 1.80
C THR B 268 -11.28 36.22 0.84
N GLY B 269 -10.38 37.13 0.48
CA GLY B 269 -10.72 38.18 -0.45
C GLY B 269 -10.76 39.59 0.12
N TRP B 270 -11.71 40.39 -0.36
CA TRP B 270 -11.72 41.82 -0.07
C TRP B 270 -13.11 42.47 -0.10
N LYS B 271 -13.28 43.52 0.71
CA LYS B 271 -14.42 44.42 0.59
C LYS B 271 -13.94 45.80 0.19
N ILE B 272 -14.83 46.55 -0.44
CA ILE B 272 -14.51 47.91 -0.83
C ILE B 272 -15.75 48.78 -0.67
N HIS B 273 -15.61 49.83 0.14
CA HIS B 273 -16.65 50.82 0.33
C HIS B 273 -16.26 52.10 -0.41
N TYR B 274 -17.10 52.52 -1.35
CA TYR B 274 -16.83 53.71 -2.13
C TYR B 274 -17.83 54.84 -1.87
N THR B 275 -17.28 56.04 -1.77
CA THR B 275 -18.05 57.24 -1.51
C THR B 275 -17.78 58.24 -2.64
N SER B 276 -18.24 59.48 -2.47
CA SER B 276 -18.15 60.46 -3.55
C SER B 276 -18.29 61.90 -3.08
N THR B 277 -17.61 62.81 -3.79
CA THR B 277 -17.73 64.25 -3.57
C THR B 277 -17.64 65.00 -4.90
N ALA B 278 -17.50 66.32 -4.82
CA ALA B 278 -17.40 67.15 -6.01
C ALA B 278 -16.05 67.88 -6.07
CA CA C . 8.87 -59.46 4.42
CA CA D . 13.25 -20.88 17.78
CA CA E . 6.09 1.43 -0.86
CA CA F . 1.71 -30.27 -3.83
CA CA G . -18.00 5.60 -12.11
CA CA H . -5.89 31.83 -5.33
#